data_3ZRZ
#
_entry.id   3ZRZ
#
_cell.length_a   50.055
_cell.length_b   50.055
_cell.length_c   93.504
_cell.angle_alpha   90.00
_cell.angle_beta   90.00
_cell.angle_gamma   90.00
#
_symmetry.space_group_name_H-M   'P 41'
#
loop_
_entity.id
_entity.type
_entity.pdbx_description
1 polymer FIBRONECTIN
2 polymer 'FIBRONECTIN-BINDING PROTEIN'
3 non-polymer 'SULFATE ION'
4 non-polymer GLYCEROL
5 water water
#
loop_
_entity_poly.entity_id
_entity_poly.type
_entity_poly.pdbx_seq_one_letter_code
_entity_poly.pdbx_strand_id
1 'polypeptide(L)'
;AEETCFDKYTGNTYRVGDTYERPKDSMIWDCTCIGAGRGRISCTIANRCHEGGQSYKIGDTWRRPHETGGYMLECVCLGN
GKGEWTCKPI
;
A,B
2 'polypeptide(L)' (ACE)TGMSGFSETVTIVEDTRP(NH2) C,D
#
loop_
_chem_comp.id
_chem_comp.type
_chem_comp.name
_chem_comp.formula
ACE non-polymer 'ACETYL GROUP' 'C2 H4 O'
GOL non-polymer GLYCEROL 'C3 H8 O3'
NH2 non-polymer 'AMINO GROUP' 'H2 N'
SO4 non-polymer 'SULFATE ION' 'O4 S -2'
#
# COMPACT_ATOMS: atom_id res chain seq x y z
N GLU A 2 -31.68 6.98 -4.29
CA GLU A 2 -30.68 6.82 -3.20
C GLU A 2 -29.33 7.31 -3.71
N GLU A 3 -28.73 8.20 -2.95
CA GLU A 3 -27.43 8.75 -3.30
C GLU A 3 -26.35 7.73 -2.91
N THR A 4 -25.40 7.45 -3.81
CA THR A 4 -24.33 6.48 -3.48
C THR A 4 -22.89 7.01 -3.72
N CYS A 5 -21.91 6.29 -3.15
CA CYS A 5 -20.49 6.46 -3.53
C CYS A 5 -19.95 5.12 -4.00
N PHE A 6 -19.15 5.12 -5.06
CA PHE A 6 -18.46 3.89 -5.50
C PHE A 6 -16.97 4.06 -5.23
N ASP A 7 -16.38 3.07 -4.54
CA ASP A 7 -14.96 3.09 -4.30
C ASP A 7 -14.28 2.15 -5.29
N LYS A 8 -13.46 2.70 -6.18
CA LYS A 8 -12.87 1.89 -7.25
C LYS A 8 -11.87 0.84 -6.76
N TYR A 9 -11.38 1.02 -5.53
CA TYR A 9 -10.42 0.08 -4.96
C TYR A 9 -11.12 -1.15 -4.32
N THR A 10 -12.11 -0.88 -3.47
CA THR A 10 -12.88 -1.96 -2.85
C THR A 10 -13.87 -2.62 -3.83
N GLY A 11 -14.29 -1.86 -4.84
CA GLY A 11 -15.27 -2.34 -5.82
C GLY A 11 -16.70 -2.27 -5.33
N ASN A 12 -16.89 -1.67 -4.16
CA ASN A 12 -18.22 -1.59 -3.56
C ASN A 12 -18.93 -0.25 -3.73
N THR A 13 -20.25 -0.33 -3.67
CA THR A 13 -21.10 0.84 -3.68
C THR A 13 -21.67 1.06 -2.29
N TYR A 14 -21.55 2.29 -1.80
CA TYR A 14 -21.94 2.64 -0.44
C TYR A 14 -23.07 3.65 -0.47
N ARG A 15 -23.91 3.60 0.56
CA ARG A 15 -24.92 4.61 0.78
C ARG A 15 -24.30 5.73 1.60
N VAL A 16 -24.89 6.91 1.52
CA VAL A 16 -24.48 8.01 2.36
C VAL A 16 -24.46 7.66 3.85
N GLY A 17 -23.33 7.94 4.51
CA GLY A 17 -23.14 7.62 5.92
C GLY A 17 -22.43 6.30 6.19
N ASP A 18 -22.34 5.43 5.18
CA ASP A 18 -21.59 4.19 5.30
C ASP A 18 -20.13 4.47 5.61
N THR A 19 -19.56 3.69 6.52
CA THR A 19 -18.12 3.73 6.74
C THR A 19 -17.51 2.40 6.36
N TYR A 20 -16.23 2.41 5.98
CA TYR A 20 -15.56 1.19 5.52
C TYR A 20 -14.06 1.40 5.48
N GLU A 21 -13.35 0.27 5.39
CA GLU A 21 -11.86 0.32 5.29
C GLU A 21 -11.40 0.26 3.85
N ARG A 22 -10.43 1.11 3.53
CA ARG A 22 -9.75 1.07 2.22
C ARG A 22 -8.23 0.86 2.39
N PRO A 23 -7.74 -0.38 2.17
CA PRO A 23 -6.28 -0.61 2.13
C PRO A 23 -5.68 0.07 0.93
N LYS A 24 -4.70 0.93 1.15
CA LYS A 24 -3.99 1.57 0.04
C LYS A 24 -2.72 2.16 0.61
N ASP A 25 -1.67 2.19 -0.20
CA ASP A 25 -0.40 2.81 0.21
C ASP A 25 0.22 2.10 1.44
N SER A 26 -0.04 0.79 1.53
CA SER A 26 0.46 -0.05 2.67
C SER A 26 -0.09 0.40 4.03
N MET A 27 -1.25 1.06 3.97
CA MET A 27 -1.92 1.55 5.16
C MET A 27 -3.38 1.15 5.03
N ILE A 28 -4.16 1.40 6.08
CA ILE A 28 -5.61 1.20 6.00
C ILE A 28 -6.28 2.54 6.27
N TRP A 29 -7.04 3.01 5.28
CA TRP A 29 -7.77 4.28 5.39
C TRP A 29 -9.17 4.02 5.94
N ASP A 30 -9.64 4.89 6.85
CA ASP A 30 -11.02 4.81 7.31
C ASP A 30 -11.83 5.77 6.44
N CYS A 31 -12.70 5.21 5.61
CA CYS A 31 -13.44 6.03 4.64
C CYS A 31 -14.90 6.19 5.01
N THR A 32 -15.48 7.30 4.54
CA THR A 32 -16.90 7.58 4.76
C THR A 32 -17.51 8.00 3.42
N CYS A 33 -18.67 7.45 3.08
CA CYS A 33 -19.41 7.96 1.91
C CYS A 33 -20.20 9.17 2.37
N ILE A 34 -19.80 10.33 1.86
CA ILE A 34 -20.45 11.59 2.26
C ILE A 34 -21.53 11.96 1.24
N GLY A 35 -21.25 11.74 -0.03
CA GLY A 35 -22.20 12.02 -1.11
C GLY A 35 -22.11 13.48 -1.51
N ALA A 36 -22.89 14.35 -0.87
CA ALA A 36 -22.89 15.80 -1.18
C ALA A 36 -23.22 16.10 -2.64
N GLY A 37 -23.95 15.19 -3.28
CA GLY A 37 -24.30 15.35 -4.70
C GLY A 37 -23.12 15.15 -5.65
N ARG A 38 -21.97 14.73 -5.12
CA ARG A 38 -20.78 14.53 -5.94
C ARG A 38 -20.10 13.17 -5.69
N GLY A 39 -20.84 12.24 -5.10
CA GLY A 39 -20.27 10.91 -4.75
C GLY A 39 -19.02 11.09 -3.91
N ARG A 40 -19.09 12.06 -3.01
CA ARG A 40 -17.91 12.49 -2.25
C ARG A 40 -17.58 11.44 -1.21
N ILE A 41 -16.31 10.99 -1.22
CA ILE A 41 -15.78 10.06 -0.23
C ILE A 41 -14.72 10.79 0.56
N SER A 42 -14.74 10.68 1.90
CA SER A 42 -13.61 11.21 2.69
C SER A 42 -12.91 10.03 3.37
N CYS A 43 -11.60 9.97 3.23
CA CYS A 43 -10.82 8.86 3.86
C CYS A 43 -9.75 9.45 4.73
N THR A 44 -9.54 8.85 5.89
CA THR A 44 -8.51 9.39 6.79
C THR A 44 -7.73 8.29 7.48
N ILE A 45 -6.50 8.63 7.84
CA ILE A 45 -5.69 7.79 8.72
C ILE A 45 -5.46 8.50 10.04
N ALA A 46 -6.10 9.65 10.27
CA ALA A 46 -5.85 10.43 11.49
C ALA A 46 -6.19 9.70 12.77
N ASN A 47 -7.07 8.71 12.67
CA ASN A 47 -7.41 7.91 13.85
C ASN A 47 -6.94 6.47 13.80
N ARG A 48 -5.84 6.29 13.08
CA ARG A 48 -5.09 5.06 13.09
C ARG A 48 -3.67 5.30 13.44
N CYS A 49 -3.00 4.26 13.92
CA CYS A 49 -1.56 4.34 14.05
C CYS A 49 -0.93 3.40 13.03
N HIS A 50 0.01 3.90 12.26
CA HIS A 50 0.70 3.10 11.27
C HIS A 50 2.14 3.05 11.72
N GLU A 51 2.45 1.95 12.40
CA GLU A 51 3.74 1.79 13.09
C GLU A 51 4.20 0.36 12.93
N GLY A 52 5.52 0.21 12.78
CA GLY A 52 6.16 -1.11 12.63
C GLY A 52 5.56 -1.89 11.48
N GLY A 53 5.24 -1.19 10.39
CA GLY A 53 4.68 -1.80 9.17
C GLY A 53 3.27 -2.36 9.28
N GLN A 54 2.54 -2.02 10.35
CA GLN A 54 1.17 -2.50 10.60
C GLN A 54 0.20 -1.34 10.73
N SER A 55 -1.09 -1.65 10.74
CA SER A 55 -2.13 -0.63 10.88
C SER A 55 -2.92 -0.96 12.12
N TYR A 56 -3.00 -0.01 13.04
CA TYR A 56 -3.67 -0.21 14.31
C TYR A 56 -4.80 0.76 14.50
N LYS A 57 -5.92 0.24 14.99
CA LYS A 57 -7.05 1.08 15.38
C LYS A 57 -6.85 1.57 16.81
N ILE A 58 -7.62 2.60 17.18
CA ILE A 58 -7.57 3.12 18.55
C ILE A 58 -7.85 2.00 19.55
N GLY A 59 -6.96 1.84 20.54
CA GLY A 59 -7.13 0.76 21.51
C GLY A 59 -6.35 -0.50 21.20
N ASP A 60 -5.93 -0.68 19.94
CA ASP A 60 -5.06 -1.79 19.58
C ASP A 60 -3.69 -1.64 20.24
N THR A 61 -3.10 -2.75 20.63
CA THR A 61 -1.74 -2.72 21.18
C THR A 61 -0.73 -3.52 20.34
N TRP A 62 0.54 -3.20 20.53
CA TRP A 62 1.62 -3.92 19.90
C TRP A 62 2.90 -3.80 20.74
N ARG A 63 3.93 -4.56 20.36
CA ARG A 63 5.20 -4.55 21.08
C ARG A 63 6.34 -4.11 20.19
N ARG A 64 7.29 -3.41 20.80
CA ARG A 64 8.53 -3.08 20.13
C ARG A 64 9.61 -3.04 21.22
N PRO A 65 10.86 -3.37 20.86
CA PRO A 65 11.96 -3.27 21.84
C PRO A 65 12.24 -1.82 22.22
N HIS A 66 12.63 -1.59 23.47
CA HIS A 66 13.13 -0.27 23.87
C HIS A 66 14.54 -0.03 23.30
N GLU A 67 14.94 1.24 23.14
CA GLU A 67 16.25 1.60 22.58
C GLU A 67 17.43 1.01 23.37
N THR A 68 17.27 0.79 24.69
CA THR A 68 18.36 0.20 25.47
C THR A 68 18.52 -1.29 25.22
N GLY A 69 17.46 -1.92 24.70
CA GLY A 69 17.49 -3.34 24.31
C GLY A 69 17.29 -4.34 25.44
N GLY A 70 17.17 -3.83 26.67
CA GLY A 70 17.05 -4.70 27.84
C GLY A 70 15.63 -5.20 28.08
N TYR A 71 14.68 -4.55 27.43
CA TYR A 71 13.28 -4.83 27.68
C TYR A 71 12.36 -4.44 26.53
N MET A 72 11.15 -5.00 26.57
CA MET A 72 10.14 -4.74 25.55
C MET A 72 9.18 -3.67 26.02
N LEU A 73 8.63 -2.91 25.06
CA LEU A 73 7.55 -1.93 25.30
C LEU A 73 6.23 -2.48 24.80
N GLU A 74 5.14 -2.21 25.53
CA GLU A 74 3.81 -2.37 24.95
C GLU A 74 3.24 -1.00 24.57
N CYS A 75 2.84 -0.87 23.32
CA CYS A 75 2.37 0.39 22.76
C CYS A 75 0.86 0.28 22.53
N VAL A 76 0.15 1.38 22.65
CA VAL A 76 -1.28 1.40 22.36
C VAL A 76 -1.56 2.60 21.45
N CYS A 77 -2.51 2.44 20.53
CA CYS A 77 -2.91 3.53 19.65
C CYS A 77 -3.99 4.37 20.32
N LEU A 78 -3.72 5.67 20.47
CA LEU A 78 -4.64 6.62 21.07
C LEU A 78 -5.45 7.39 20.00
N GLY A 79 -4.80 7.70 18.89
CA GLY A 79 -5.46 8.40 17.77
C GLY A 79 -5.44 9.90 18.01
N ASN A 80 -6.52 10.39 18.60
CA ASN A 80 -6.65 11.81 18.89
C ASN A 80 -6.58 12.71 17.66
N GLY A 81 -6.99 12.19 16.52
CA GLY A 81 -6.89 12.91 15.23
C GLY A 81 -5.48 13.24 14.79
N LYS A 82 -4.50 12.58 15.41
CA LYS A 82 -3.10 12.88 15.23
C LYS A 82 -2.27 11.61 15.07
N GLY A 83 -2.94 10.47 14.90
CA GLY A 83 -2.23 9.20 14.78
C GLY A 83 -1.36 8.95 16.01
N GLU A 84 -1.84 9.38 17.17
CA GLU A 84 -1.05 9.33 18.42
C GLU A 84 -0.95 7.93 19.04
N TRP A 85 0.26 7.56 19.44
CA TRP A 85 0.48 6.31 20.15
C TRP A 85 1.43 6.55 21.32
N THR A 86 1.35 5.66 22.31
CA THR A 86 2.24 5.74 23.47
C THR A 86 2.60 4.34 23.95
N CYS A 87 3.78 4.19 24.57
CA CYS A 87 4.31 2.88 24.93
C CYS A 87 4.88 2.90 26.33
N LYS A 88 4.65 1.80 27.04
CA LYS A 88 5.16 1.64 28.42
C LYS A 88 6.01 0.39 28.47
N PRO A 89 6.97 0.33 29.41
CA PRO A 89 7.74 -0.91 29.51
C PRO A 89 6.92 -2.07 30.00
N ILE A 90 7.29 -3.26 29.57
CA ILE A 90 6.71 -4.48 30.08
C ILE A 90 7.63 -5.05 31.17
N GLU B 2 -12.59 -12.36 11.39
CA GLU B 2 -12.21 -11.18 10.55
C GLU B 2 -11.99 -11.65 9.11
N GLU B 3 -12.16 -10.74 8.14
CA GLU B 3 -12.01 -11.15 6.74
C GLU B 3 -10.55 -11.42 6.40
N THR B 4 -10.32 -12.41 5.54
CA THR B 4 -8.96 -12.73 5.08
C THR B 4 -8.92 -12.88 3.55
N CYS B 5 -7.70 -12.93 3.01
CA CYS B 5 -7.47 -13.22 1.61
C CYS B 5 -6.51 -14.42 1.57
N PHE B 6 -6.80 -15.41 0.76
CA PHE B 6 -5.84 -16.49 0.52
C PHE B 6 -5.22 -16.32 -0.86
N ASP B 7 -3.89 -16.29 -0.92
CA ASP B 7 -3.20 -16.20 -2.18
C ASP B 7 -2.68 -17.59 -2.53
N LYS B 8 -3.24 -18.19 -3.59
CA LYS B 8 -2.88 -19.57 -3.96
C LYS B 8 -1.47 -19.70 -4.51
N TYR B 9 -0.86 -18.58 -4.86
CA TYR B 9 0.52 -18.60 -5.37
C TYR B 9 1.55 -18.58 -4.24
N THR B 10 1.33 -17.76 -3.21
CA THR B 10 2.23 -17.77 -2.06
C THR B 10 1.85 -18.87 -1.06
N GLY B 11 0.61 -19.35 -1.17
CA GLY B 11 0.05 -20.31 -0.20
C GLY B 11 -0.29 -19.75 1.15
N ASN B 12 -0.25 -18.42 1.30
CA ASN B 12 -0.47 -17.80 2.60
C ASN B 12 -1.82 -17.12 2.69
N THR B 13 -2.26 -16.97 3.94
CA THR B 13 -3.51 -16.28 4.25
C THR B 13 -3.19 -14.93 4.90
N TYR B 14 -3.81 -13.88 4.37
CA TYR B 14 -3.54 -12.51 4.77
C TYR B 14 -4.76 -11.86 5.42
N ARG B 15 -4.47 -10.89 6.27
CA ARG B 15 -5.50 -10.03 6.88
C ARG B 15 -5.75 -8.81 6.00
N VAL B 16 -6.94 -8.20 6.13
CA VAL B 16 -7.22 -6.94 5.45
C VAL B 16 -6.12 -5.90 5.70
N GLY B 17 -5.57 -5.37 4.60
CA GLY B 17 -4.53 -4.32 4.67
C GLY B 17 -3.11 -4.86 4.54
N ASP B 18 -2.94 -6.17 4.70
CA ASP B 18 -1.61 -6.78 4.52
C ASP B 18 -1.12 -6.54 3.10
N THR B 19 0.16 -6.22 2.98
CA THR B 19 0.82 -6.14 1.67
C THR B 19 1.94 -7.16 1.63
N TYR B 20 2.19 -7.71 0.46
CA TYR B 20 3.18 -8.77 0.33
C TYR B 20 3.62 -8.91 -1.11
N GLU B 21 4.70 -9.67 -1.29
CA GLU B 21 5.21 -9.99 -2.62
C GLU B 21 4.71 -11.33 -3.10
N ARG B 22 4.28 -11.35 -4.35
CA ARG B 22 3.95 -12.56 -5.01
C ARG B 22 4.90 -12.79 -6.19
N PRO B 23 5.98 -13.58 -5.94
CA PRO B 23 6.90 -13.88 -7.01
C PRO B 23 6.23 -14.85 -7.97
N LYS B 24 6.28 -14.54 -9.25
CA LYS B 24 5.72 -15.43 -10.25
C LYS B 24 6.49 -15.24 -11.56
N ASP B 25 7.14 -16.29 -12.07
CA ASP B 25 7.82 -16.20 -13.39
C ASP B 25 8.71 -14.99 -13.64
N SER B 26 9.81 -14.86 -12.92
CA SER B 26 10.74 -13.72 -13.15
C SER B 26 10.16 -12.35 -12.86
N MET B 27 8.88 -12.33 -12.50
CA MET B 27 8.24 -11.12 -12.04
C MET B 27 7.94 -11.21 -10.55
N ILE B 28 7.95 -10.08 -9.88
CA ILE B 28 7.44 -10.02 -8.51
C ILE B 28 6.27 -9.04 -8.55
N TRP B 29 5.12 -9.49 -8.04
CA TRP B 29 3.93 -8.64 -7.94
C TRP B 29 3.81 -8.06 -6.56
N ASP B 30 3.48 -6.78 -6.45
CA ASP B 30 3.22 -6.18 -5.15
C ASP B 30 1.73 -6.27 -4.90
N CYS B 31 1.36 -7.05 -3.88
CA CYS B 31 -0.05 -7.35 -3.62
C CYS B 31 -0.58 -6.75 -2.33
N THR B 32 -1.90 -6.57 -2.29
CA THR B 32 -2.59 -6.01 -1.14
C THR B 32 -3.83 -6.84 -0.88
N CYS B 33 -3.99 -7.29 0.35
CA CYS B 33 -5.28 -7.89 0.76
C CYS B 33 -6.27 -6.77 1.04
N ILE B 34 -7.22 -6.62 0.12
CA ILE B 34 -8.21 -5.55 0.23
C ILE B 34 -9.42 -6.05 1.04
N GLY B 35 -9.89 -7.26 0.74
CA GLY B 35 -11.01 -7.84 1.48
C GLY B 35 -12.32 -7.46 0.80
N ALA B 36 -12.96 -6.42 1.33
CA ALA B 36 -14.17 -5.79 0.77
C ALA B 36 -15.34 -6.76 0.71
N GLY B 37 -15.34 -7.80 1.54
CA GLY B 37 -16.39 -8.80 1.49
C GLY B 37 -16.33 -9.75 0.30
N ARG B 38 -15.24 -9.69 -0.45
CA ARG B 38 -15.01 -10.49 -1.65
C ARG B 38 -13.69 -11.26 -1.58
N GLY B 39 -13.02 -11.23 -0.44
CA GLY B 39 -11.66 -11.78 -0.37
C GLY B 39 -10.80 -11.12 -1.46
N ARG B 40 -11.00 -9.83 -1.66
CA ARG B 40 -10.35 -9.18 -2.83
C ARG B 40 -8.86 -8.92 -2.62
N ILE B 41 -8.06 -9.34 -3.60
CA ILE B 41 -6.61 -9.11 -3.63
C ILE B 41 -6.33 -8.27 -4.86
N SER B 42 -5.55 -7.21 -4.70
CA SER B 42 -5.09 -6.44 -5.87
C SER B 42 -3.57 -6.58 -5.93
N CYS B 43 -3.05 -6.94 -7.09
CA CYS B 43 -1.59 -7.05 -7.28
C CYS B 43 -1.13 -6.22 -8.45
N THR B 44 0.07 -5.65 -8.36
CA THR B 44 0.52 -4.84 -9.50
C THR B 44 2.02 -4.93 -9.72
N ILE B 45 2.42 -4.78 -10.98
CA ILE B 45 3.85 -4.61 -11.27
C ILE B 45 4.18 -3.17 -11.66
N ALA B 46 3.19 -2.28 -11.57
CA ALA B 46 3.36 -0.91 -12.07
C ALA B 46 4.38 -0.10 -11.29
N ASN B 47 4.67 -0.53 -10.07
CA ASN B 47 5.64 0.18 -9.19
C ASN B 47 7.01 -0.51 -9.13
N ARG B 48 7.24 -1.39 -10.11
CA ARG B 48 8.49 -2.11 -10.28
C ARG B 48 8.92 -2.03 -11.70
N CYS B 49 10.20 -2.31 -11.93
CA CYS B 49 10.73 -2.43 -13.28
C CYS B 49 11.18 -3.86 -13.53
N HIS B 50 10.67 -4.46 -14.56
CA HIS B 50 11.02 -5.81 -14.91
C HIS B 50 11.84 -5.72 -16.18
N GLU B 51 13.15 -5.80 -16.03
CA GLU B 51 14.06 -5.69 -17.15
C GLU B 51 15.14 -6.74 -17.05
N GLY B 52 15.47 -7.33 -18.19
CA GLY B 52 16.53 -8.34 -18.22
C GLY B 52 16.24 -9.59 -17.43
N GLY B 53 14.94 -9.85 -17.22
CA GLY B 53 14.48 -10.99 -16.44
C GLY B 53 14.65 -10.82 -14.93
N GLN B 54 14.96 -9.59 -14.51
CA GLN B 54 15.08 -9.23 -13.09
C GLN B 54 13.94 -8.32 -12.67
N SER B 55 13.60 -8.35 -11.38
CA SER B 55 12.57 -7.49 -10.79
C SER B 55 13.25 -6.42 -9.93
N TYR B 56 13.07 -5.17 -10.31
CA TYR B 56 13.67 -4.08 -9.58
C TYR B 56 12.63 -3.24 -8.90
N LYS B 57 12.88 -2.96 -7.63
CA LYS B 57 12.15 -1.95 -6.87
C LYS B 57 12.57 -0.53 -7.25
N ILE B 58 11.67 0.43 -6.99
CA ILE B 58 11.98 1.85 -7.13
C ILE B 58 13.28 2.18 -6.38
N GLY B 59 14.21 2.83 -7.09
CA GLY B 59 15.53 3.10 -6.53
C GLY B 59 16.61 2.06 -6.83
N ASP B 60 16.22 0.85 -7.21
CA ASP B 60 17.22 -0.16 -7.63
C ASP B 60 17.89 0.26 -8.94
N THR B 61 19.17 -0.10 -9.08
CA THR B 61 19.92 0.21 -10.29
C THR B 61 20.44 -1.05 -10.96
N TRP B 62 20.77 -0.92 -12.25
CA TRP B 62 21.43 -1.97 -13.02
C TRP B 62 22.23 -1.33 -14.14
N ARG B 63 23.08 -2.12 -14.81
CA ARG B 63 23.89 -1.62 -15.93
C ARG B 63 23.54 -2.32 -17.26
N ARG B 64 23.63 -1.57 -18.36
CA ARG B 64 23.39 -2.11 -19.70
C ARG B 64 24.10 -1.24 -20.74
N PRO B 65 24.60 -1.87 -21.84
CA PRO B 65 25.24 -1.10 -22.91
C PRO B 65 24.28 -0.19 -23.69
N HIS B 66 24.79 0.93 -24.19
CA HIS B 66 24.01 1.84 -25.04
C HIS B 66 23.73 1.21 -26.43
N GLU B 67 22.49 1.36 -26.92
CA GLU B 67 22.05 0.75 -28.18
C GLU B 67 22.90 1.12 -29.41
N THR B 68 23.35 2.38 -29.47
CA THR B 68 24.15 2.88 -30.58
C THR B 68 25.60 3.20 -30.14
N GLY B 69 25.74 4.08 -29.16
CA GLY B 69 27.03 4.64 -28.77
C GLY B 69 28.12 3.72 -28.23
N GLY B 70 27.73 2.55 -27.73
CA GLY B 70 28.70 1.57 -27.20
C GLY B 70 29.56 2.02 -26.03
N TYR B 71 28.91 2.58 -25.00
CA TYR B 71 29.49 2.82 -23.66
C TYR B 71 28.46 2.24 -22.69
N MET B 72 28.84 2.04 -21.44
CA MET B 72 27.90 1.48 -20.46
C MET B 72 26.94 2.56 -19.91
N LEU B 73 25.70 2.15 -19.65
CA LEU B 73 24.68 2.97 -18.97
C LEU B 73 24.38 2.43 -17.59
N GLU B 74 24.04 3.32 -16.66
CA GLU B 74 23.48 2.90 -15.39
C GLU B 74 22.02 3.34 -15.33
N CYS B 75 21.16 2.36 -15.06
CA CYS B 75 19.74 2.57 -15.05
C CYS B 75 19.19 2.51 -13.62
N VAL B 76 18.12 3.23 -13.38
CA VAL B 76 17.47 3.21 -12.10
C VAL B 76 15.98 3.07 -12.35
N CYS B 77 15.31 2.38 -11.45
CA CYS B 77 13.85 2.21 -11.52
C CYS B 77 13.14 3.35 -10.79
N LEU B 78 12.35 4.12 -11.54
CA LEU B 78 11.55 5.23 -10.99
C LEU B 78 10.15 4.75 -10.63
N GLY B 79 9.62 3.81 -11.43
CA GLY B 79 8.28 3.29 -11.21
C GLY B 79 7.25 4.27 -11.70
N ASN B 80 6.81 5.18 -10.82
CA ASN B 80 5.77 6.17 -11.18
C ASN B 80 4.45 5.57 -11.71
N GLY B 81 4.11 4.37 -11.24
CA GLY B 81 2.90 3.63 -11.65
C GLY B 81 2.89 3.21 -13.11
N LYS B 82 4.08 3.25 -13.73
CA LYS B 82 4.18 2.84 -15.14
C LYS B 82 5.48 2.13 -15.46
N GLY B 83 6.08 1.53 -14.45
CA GLY B 83 7.21 0.66 -14.71
C GLY B 83 8.38 1.47 -15.24
N GLU B 84 8.42 2.75 -14.87
CA GLU B 84 9.34 3.67 -15.53
C GLU B 84 10.79 3.50 -15.09
N TRP B 85 11.70 3.52 -16.07
CA TRP B 85 13.12 3.52 -15.74
C TRP B 85 13.86 4.48 -16.67
N THR B 86 15.04 4.86 -16.21
CA THR B 86 15.90 5.76 -16.99
C THR B 86 17.36 5.49 -16.73
N CYS B 87 18.21 5.74 -17.75
CA CYS B 87 19.61 5.37 -17.65
C CYS B 87 20.48 6.54 -18.11
N LYS B 88 21.61 6.70 -17.46
CA LYS B 88 22.60 7.69 -17.85
C LYS B 88 23.90 6.98 -18.14
N PRO B 89 24.74 7.57 -19.01
CA PRO B 89 26.04 6.96 -19.24
C PRO B 89 26.92 6.91 -17.96
N ILE B 90 27.74 5.88 -17.86
CA ILE B 90 28.74 5.76 -16.80
C ILE B 90 30.08 6.27 -17.37
C ACE C 1 12.66 6.55 28.76
O ACE C 1 13.02 5.99 27.70
CH3 ACE C 1 12.54 8.04 28.80
N THR C 2 11.98 5.88 29.73
CA THR C 2 11.87 4.43 29.68
C THR C 2 10.81 3.95 28.69
N GLY C 3 9.91 4.85 28.30
CA GLY C 3 8.85 4.50 27.32
C GLY C 3 9.15 5.12 25.99
N MET C 4 8.10 5.32 25.18
CA MET C 4 8.24 5.96 23.88
C MET C 4 6.85 6.41 23.47
N SER C 5 6.80 7.51 22.72
CA SER C 5 5.54 8.01 22.18
C SER C 5 5.79 8.70 20.84
N GLY C 6 4.74 8.87 20.05
CA GLY C 6 4.90 9.51 18.75
C GLY C 6 3.57 9.70 18.09
N PHE C 7 3.64 10.20 16.85
CA PHE C 7 2.46 10.43 16.01
C PHE C 7 2.69 9.77 14.67
N SER C 8 1.70 9.01 14.20
CA SER C 8 1.78 8.40 12.88
C SER C 8 1.39 9.42 11.80
N GLU C 9 1.58 9.04 10.55
CA GLU C 9 1.22 9.89 9.40
C GLU C 9 -0.25 10.29 9.55
N THR C 10 -0.55 11.57 9.36
CA THR C 10 -1.88 12.12 9.64
C THR C 10 -2.37 12.80 8.35
N VAL C 11 -3.30 12.14 7.66
CA VAL C 11 -3.70 12.59 6.30
C VAL C 11 -5.20 12.38 6.17
N THR C 12 -5.88 13.31 5.47
CA THR C 12 -7.31 13.15 5.12
C THR C 12 -7.47 13.47 3.65
N ILE C 13 -8.15 12.58 2.93
CA ILE C 13 -8.28 12.71 1.47
C ILE C 13 -9.77 12.87 1.17
N VAL C 14 -10.11 13.82 0.30
CA VAL C 14 -11.51 13.97 -0.10
C VAL C 14 -11.57 13.77 -1.62
N GLU C 15 -12.41 12.84 -2.07
CA GLU C 15 -12.52 12.56 -3.51
CA GLU C 15 -12.52 12.51 -3.49
C GLU C 15 -13.95 12.74 -3.93
N ASP C 16 -14.14 13.54 -4.97
CA ASP C 16 -15.49 13.66 -5.58
C ASP C 16 -15.53 12.70 -6.75
N THR C 17 -16.13 11.55 -6.52
CA THR C 17 -16.17 10.48 -7.52
C THR C 17 -17.09 10.84 -8.69
N ARG C 18 -17.97 11.82 -8.48
CA ARG C 18 -18.78 12.40 -9.58
C ARG C 18 -18.69 13.92 -9.54
N PRO C 19 -17.67 14.49 -10.16
CA PRO C 19 -17.32 15.88 -9.90
C PRO C 19 -18.37 16.90 -10.29
N NH2 C 20 -18.47 17.98 -9.54
C ACE D 1 21.56 9.90 -26.40
O ACE D 1 21.75 8.82 -26.98
CH3 ACE D 1 20.82 11.00 -27.12
N THR D 2 22.37 10.33 -25.43
CA THR D 2 23.39 9.46 -24.88
C THR D 2 22.83 8.49 -23.84
N GLY D 3 21.66 8.81 -23.29
CA GLY D 3 21.06 7.94 -22.29
C GLY D 3 20.00 7.04 -22.90
N MET D 4 19.18 6.44 -22.04
CA MET D 4 18.07 5.59 -22.47
C MET D 4 17.03 5.63 -21.35
N SER D 5 15.78 5.50 -21.76
CA SER D 5 14.65 5.40 -20.85
C SER D 5 13.61 4.46 -21.44
N GLY D 6 12.64 4.04 -20.62
CA GLY D 6 11.54 3.25 -21.13
C GLY D 6 10.61 2.86 -20.00
N PHE D 7 9.67 1.98 -20.31
CA PHE D 7 8.68 1.54 -19.35
C PHE D 7 8.63 0.02 -19.41
N SER D 8 8.74 -0.59 -18.24
CA SER D 8 8.49 -2.02 -18.08
C SER D 8 7.01 -2.37 -18.19
N GLU D 9 6.72 -3.67 -18.23
CA GLU D 9 5.33 -4.12 -18.27
C GLU D 9 4.52 -3.52 -17.12
N THR D 10 3.36 -2.97 -17.46
CA THR D 10 2.53 -2.25 -16.50
C THR D 10 1.16 -2.89 -16.41
N VAL D 11 0.95 -3.68 -15.36
CA VAL D 11 -0.23 -4.55 -15.26
C VAL D 11 -0.75 -4.52 -13.81
N THR D 12 -2.08 -4.50 -13.64
CA THR D 12 -2.70 -4.67 -12.35
C THR D 12 -3.73 -5.76 -12.45
N ILE D 13 -3.71 -6.67 -11.46
CA ILE D 13 -4.64 -7.79 -11.43
C ILE D 13 -5.48 -7.68 -10.17
N VAL D 14 -6.81 -7.77 -10.30
CA VAL D 14 -7.69 -7.74 -9.12
C VAL D 14 -8.49 -9.06 -9.12
N GLU D 15 -8.40 -9.78 -8.01
CA GLU D 15 -9.06 -11.08 -7.90
CA GLU D 15 -8.96 -11.13 -7.87
C GLU D 15 -9.95 -11.12 -6.70
N ASP D 16 -11.21 -11.51 -6.93
CA ASP D 16 -12.14 -11.67 -5.81
C ASP D 16 -12.08 -13.15 -5.47
N THR D 17 -11.36 -13.50 -4.41
CA THR D 17 -11.07 -14.89 -4.06
C THR D 17 -12.29 -15.54 -3.40
N ARG D 18 -13.24 -14.72 -2.97
CA ARG D 18 -14.56 -15.19 -2.49
C ARG D 18 -15.70 -14.42 -3.16
N PRO D 19 -16.10 -14.78 -4.37
CA PRO D 19 -17.05 -13.95 -5.08
C PRO D 19 -18.46 -13.99 -4.53
N NH2 D 20 -18.77 -14.98 -3.72
S SO4 E . -18.42 22.04 -1.45
O1 SO4 E . -17.18 21.47 -2.00
O2 SO4 E . -19.25 22.52 -2.54
O3 SO4 E . -19.13 21.09 -0.60
O4 SO4 E . -18.08 23.18 -0.58
C1 GOL F . 0.98 2.18 26.96
O1 GOL F . 0.63 3.38 27.62
C2 GOL F . -0.12 1.18 27.26
O2 GOL F . -0.20 0.91 28.64
C3 GOL F . 0.15 -0.10 26.50
O3 GOL F . -1.07 -0.80 26.37
C1 GOL G . 20.97 5.92 -12.53
O1 GOL G . 21.46 5.82 -11.21
C2 GOL G . 20.36 7.30 -12.70
O2 GOL G . 21.38 8.26 -12.47
C3 GOL G . 19.88 7.44 -14.13
O3 GOL G . 19.29 8.71 -14.30
#